data_2VNR
#
_entry.id   2VNR
#
_cell.length_a   50.724
_cell.length_b   55.482
_cell.length_c   65.685
_cell.angle_alpha   90.00
_cell.angle_beta   90.00
_cell.angle_gamma   90.00
#
_symmetry.space_group_name_H-M   'P 21 21 21'
#
loop_
_entity.id
_entity.type
_entity.pdbx_description
1 polymer CPE0329
2 non-polymer 'CALCIUM ION'
3 water water
#
_entity_poly.entity_id   1
_entity_poly.type   'polypeptide(L)'
_entity_poly.pdbx_seq_one_letter_code
;EVYALEESRDVYLSDLDWLNATHGDDTKSKIVQKNHPFTPGNNNQSTKISLKMEDGSISEFEKGLGTIAGSPSTITYDIS
GAGVTKFFSYLGIDRSANPINEQYAKVDKIEVVVDGKVIYSTINQFPNGLTYETPAIKVDLNIPENAKRLQLKSYAGEKT
WGDEVVYADAKFTAKGDFVN
;
_entity_poly.pdbx_strand_id   A
#
# COMPACT_ATOMS: atom_id res chain seq x y z
N SER A 8 -10.38 -16.59 10.47
CA SER A 8 -11.40 -16.29 11.53
C SER A 8 -12.12 -14.95 11.32
N ARG A 9 -11.35 -13.86 11.16
CA ARG A 9 -11.95 -12.55 10.88
C ARG A 9 -11.02 -11.64 10.09
N ASP A 10 -11.61 -10.65 9.42
CA ASP A 10 -10.75 -9.71 8.71
C ASP A 10 -10.20 -8.65 9.65
N VAL A 11 -8.91 -8.36 9.46
CA VAL A 11 -8.22 -7.41 10.30
C VAL A 11 -7.52 -6.44 9.34
N TYR A 12 -7.96 -5.19 9.37
CA TYR A 12 -7.37 -4.19 8.48
C TYR A 12 -5.98 -3.89 8.93
N LEU A 13 -5.05 -3.80 7.95
CA LEU A 13 -3.64 -3.50 8.35
C LEU A 13 -3.55 -2.16 9.09
N SER A 14 -4.37 -1.21 8.65
CA SER A 14 -4.33 0.12 9.31
C SER A 14 -4.83 0.04 10.78
N ASP A 15 -5.46 -1.09 11.16
CA ASP A 15 -5.88 -1.34 12.55
C ASP A 15 -4.84 -2.03 13.40
N LEU A 16 -3.64 -2.15 12.85
CA LEU A 16 -2.49 -2.72 13.53
C LEU A 16 -1.37 -1.66 13.57
N ASP A 17 -0.35 -1.92 14.40
CA ASP A 17 0.85 -1.10 14.42
C ASP A 17 1.94 -1.81 13.59
N TRP A 18 2.60 -1.07 12.70
CA TRP A 18 3.75 -1.64 11.99
C TRP A 18 5.00 -1.63 12.86
N LEU A 19 5.93 -2.55 12.56
CA LEU A 19 7.26 -2.48 13.19
C LEU A 19 7.95 -1.15 12.79
N ASN A 20 7.92 -0.88 11.49
CA ASN A 20 8.44 0.36 10.92
C ASN A 20 7.78 0.60 9.59
N ALA A 21 7.89 1.80 9.09
CA ALA A 21 7.21 2.13 7.83
C ALA A 21 7.97 3.29 7.23
N THR A 22 8.77 2.97 6.24
CA THR A 22 9.53 4.00 5.61
C THR A 22 8.76 4.52 4.39
N HIS A 23 9.17 5.68 3.90
CA HIS A 23 8.52 6.25 2.72
C HIS A 23 9.50 7.19 2.02
N GLY A 24 9.16 7.58 0.78
CA GLY A 24 10.10 8.35 -0.05
C GLY A 24 9.92 9.86 0.08
N ASP A 25 9.14 10.33 1.05
CA ASP A 25 8.91 11.79 1.13
C ASP A 25 10.20 12.61 1.49
N ASP A 26 10.26 13.81 0.97
CA ASP A 26 11.34 14.75 1.30
C ASP A 26 11.39 15.10 2.79
N THR A 27 10.21 15.14 3.43
CA THR A 27 10.09 15.48 4.86
C THR A 27 10.16 14.17 5.63
N LYS A 28 11.33 13.85 6.15
CA LYS A 28 11.55 12.52 6.70
C LYS A 28 10.86 12.24 8.03
N SER A 29 10.42 13.32 8.68
CA SER A 29 9.65 13.23 9.92
C SER A 29 8.14 13.03 9.66
N LYS A 30 7.67 13.19 8.42
CA LYS A 30 6.30 12.75 8.09
C LYS A 30 6.18 11.23 8.26
N ILE A 31 4.93 10.75 8.43
CA ILE A 31 4.76 9.29 8.66
C ILE A 31 3.73 8.68 7.72
N VAL A 32 3.90 7.40 7.40
CA VAL A 32 2.88 6.68 6.66
C VAL A 32 1.52 6.88 7.40
N GLN A 33 0.46 6.99 6.58
CA GLN A 33 -0.87 7.36 7.10
C GLN A 33 -1.79 6.17 7.17
N LYS A 34 -2.59 6.16 8.24
CA LYS A 34 -3.62 5.13 8.39
C LYS A 34 -4.97 5.74 7.94
N ASN A 35 -5.55 5.15 6.91
CA ASN A 35 -6.88 5.49 6.41
C ASN A 35 -6.97 6.84 5.71
N HIS A 36 -5.82 7.34 5.28
CA HIS A 36 -5.75 8.57 4.55
C HIS A 36 -4.57 8.45 3.59
N PRO A 37 -4.65 9.15 2.43
CA PRO A 37 -3.43 9.20 1.58
C PRO A 37 -2.33 9.99 2.33
N PHE A 38 -1.10 9.78 1.89
CA PHE A 38 0.04 10.30 2.64
C PHE A 38 0.04 11.84 2.84
N THR A 39 -0.01 12.58 1.74
CA THR A 39 0.23 14.03 1.91
C THR A 39 -0.94 14.69 2.65
N PRO A 40 -2.20 14.47 2.21
CA PRO A 40 -3.36 15.01 2.98
C PRO A 40 -3.36 14.57 4.45
N GLY A 41 -3.03 13.29 4.70
CA GLY A 41 -2.98 12.70 6.06
C GLY A 41 -2.00 13.46 6.94
N ASN A 42 -0.80 13.65 6.42
CA ASN A 42 0.24 14.41 7.19
C ASN A 42 -0.14 15.89 7.39
N ASN A 43 -1.03 16.38 6.53
CA ASN A 43 -1.51 17.78 6.63
C ASN A 43 -2.79 17.86 7.45
N ASN A 44 -3.12 16.79 8.15
CA ASN A 44 -4.27 16.73 9.04
C ASN A 44 -5.59 16.95 8.36
N GLN A 45 -5.65 16.56 7.09
CA GLN A 45 -6.92 16.63 6.34
C GLN A 45 -7.74 15.34 6.52
N SER A 46 -9.06 15.46 6.36
CA SER A 46 -9.97 14.30 6.54
C SER A 46 -10.08 13.47 5.26
N THR A 47 -9.47 13.98 4.19
CA THR A 47 -9.49 13.34 2.87
C THR A 47 -9.35 11.78 2.98
N LYS A 48 -10.30 11.03 2.40
CA LYS A 48 -10.24 9.57 2.43
C LYS A 48 -9.35 9.09 1.27
N ILE A 49 -8.80 7.86 1.38
CA ILE A 49 -8.12 7.22 0.26
C ILE A 49 -9.14 7.02 -0.89
N SER A 50 -8.73 7.28 -2.13
CA SER A 50 -9.63 7.05 -3.26
C SER A 50 -8.84 6.69 -4.51
N LEU A 51 -9.49 5.85 -5.30
CA LEU A 51 -8.88 5.33 -6.52
C LEU A 51 -9.91 5.30 -7.63
N LYS A 52 -9.38 5.34 -8.84
CA LYS A 52 -10.19 5.06 -10.04
C LYS A 52 -10.20 3.54 -10.25
N MET A 53 -11.41 3.00 -10.26
CA MET A 53 -11.61 1.54 -10.42
C MET A 53 -11.65 1.09 -11.87
N GLU A 54 -11.60 -0.24 -12.09
CA GLU A 54 -11.70 -0.79 -13.47
C GLU A 54 -12.96 -0.29 -14.21
N ASP A 55 -14.03 -0.12 -13.45
CA ASP A 55 -15.29 0.30 -14.11
C ASP A 55 -15.36 1.81 -14.36
N GLY A 56 -14.27 2.53 -14.06
CA GLY A 56 -14.13 3.94 -14.39
C GLY A 56 -14.63 4.88 -13.31
N SER A 57 -15.29 4.31 -12.29
CA SER A 57 -15.77 5.07 -11.16
C SER A 57 -14.62 5.37 -10.17
N ILE A 58 -14.80 6.42 -9.36
CA ILE A 58 -13.88 6.68 -8.24
C ILE A 58 -14.51 6.11 -6.98
N SER A 59 -13.76 5.26 -6.30
CA SER A 59 -14.23 4.72 -5.03
C SER A 59 -13.41 5.39 -3.93
N GLU A 60 -14.12 5.78 -2.86
CA GLU A 60 -13.48 6.22 -1.63
C GLU A 60 -13.46 5.03 -0.68
N PHE A 61 -12.40 4.90 0.10
CA PHE A 61 -12.25 3.74 0.99
C PHE A 61 -12.25 4.20 2.44
N GLU A 62 -12.84 3.37 3.32
CA GLU A 62 -12.90 3.73 4.76
C GLU A 62 -11.55 3.46 5.43
N LYS A 63 -10.89 2.38 4.98
CA LYS A 63 -9.60 1.96 5.58
C LYS A 63 -8.52 1.73 4.52
N GLY A 64 -7.28 1.87 4.97
CA GLY A 64 -6.12 1.53 4.09
C GLY A 64 -4.86 2.22 4.61
N LEU A 65 -3.80 2.18 3.79
CA LEU A 65 -2.51 2.78 4.16
C LEU A 65 -2.11 3.73 3.03
N GLY A 66 -1.53 4.88 3.40
CA GLY A 66 -1.03 5.84 2.41
C GLY A 66 0.45 6.12 2.64
N THR A 67 1.22 5.96 1.58
CA THR A 67 2.63 6.20 1.68
C THR A 67 3.09 6.99 0.44
N ILE A 68 4.40 7.30 0.45
CA ILE A 68 5.06 7.81 -0.75
C ILE A 68 6.09 6.76 -1.16
N ALA A 69 6.02 6.31 -2.41
CA ALA A 69 6.96 5.27 -2.89
C ALA A 69 8.39 5.75 -2.66
N GLY A 70 9.27 4.77 -2.44
CA GLY A 70 10.68 5.07 -2.18
C GLY A 70 11.61 4.08 -2.84
N SER A 71 12.72 3.82 -2.17
CA SER A 71 13.77 3.04 -2.85
C SER A 71 14.16 1.72 -2.14
N PRO A 72 13.19 0.94 -1.65
CA PRO A 72 11.74 1.12 -1.69
C PRO A 72 11.23 1.81 -0.42
N SER A 73 9.99 2.24 -0.44
CA SER A 73 9.18 2.38 0.77
C SER A 73 8.74 1.01 1.30
N THR A 74 8.92 0.78 2.60
CA THR A 74 8.68 -0.56 3.13
C THR A 74 7.86 -0.42 4.39
N ILE A 75 6.68 -1.05 4.36
CA ILE A 75 5.84 -1.04 5.58
C ILE A 75 5.86 -2.48 6.09
N THR A 76 6.30 -2.67 7.34
CA THR A 76 6.61 -4.02 7.84
C THR A 76 5.76 -4.37 9.05
N TYR A 77 5.15 -5.57 9.01
CA TYR A 77 4.27 -6.05 10.11
C TYR A 77 4.82 -7.33 10.67
N ASP A 78 4.73 -7.45 12.00
CA ASP A 78 4.95 -8.72 12.69
C ASP A 78 3.62 -9.51 12.72
N ILE A 79 3.53 -10.52 11.86
CA ILE A 79 2.34 -11.37 11.84
C ILE A 79 2.57 -12.74 12.54
N SER A 80 3.68 -12.86 13.28
CA SER A 80 4.01 -14.11 13.99
C SER A 80 2.85 -14.48 14.94
N GLY A 81 2.40 -15.74 14.85
CA GLY A 81 1.37 -16.27 15.76
C GLY A 81 -0.07 -15.86 15.45
N ALA A 82 -0.27 -14.94 14.50
CA ALA A 82 -1.59 -14.36 14.21
C ALA A 82 -2.43 -15.23 13.29
N GLY A 83 -1.82 -16.25 12.69
CA GLY A 83 -2.53 -17.17 11.78
C GLY A 83 -3.15 -16.46 10.59
N VAL A 84 -2.36 -15.59 9.96
CA VAL A 84 -2.80 -14.93 8.73
C VAL A 84 -2.78 -15.93 7.56
N THR A 85 -3.91 -16.07 6.89
CA THR A 85 -4.02 -16.96 5.76
C THR A 85 -4.20 -16.19 4.43
N LYS A 86 -4.67 -14.93 4.50
CA LYS A 86 -4.95 -14.11 3.30
C LYS A 86 -4.57 -12.64 3.51
N PHE A 87 -4.14 -12.01 2.41
CA PHE A 87 -3.95 -10.57 2.32
C PHE A 87 -4.78 -10.10 1.13
N PHE A 88 -5.54 -9.03 1.37
CA PHE A 88 -6.33 -8.41 0.31
CA PHE A 88 -6.40 -8.41 0.33
C PHE A 88 -6.12 -6.90 0.31
N SER A 89 -5.98 -6.32 -0.87
CA SER A 89 -5.91 -4.87 -1.00
C SER A 89 -6.20 -4.44 -2.43
N TYR A 90 -6.65 -3.19 -2.60
CA TYR A 90 -6.50 -2.51 -3.92
C TYR A 90 -5.17 -1.73 -3.84
N LEU A 91 -4.51 -1.61 -5.01
CA LEU A 91 -3.28 -0.83 -5.12
C LEU A 91 -3.50 0.23 -6.17
N GLY A 92 -2.97 1.43 -5.92
CA GLY A 92 -3.02 2.46 -6.95
C GLY A 92 -2.38 3.74 -6.45
N ILE A 93 -2.31 4.74 -7.32
CA ILE A 93 -1.97 6.12 -6.89
C ILE A 93 -3.23 6.86 -6.43
N ASP A 94 -3.20 7.38 -5.20
CA ASP A 94 -4.39 8.06 -4.68
C ASP A 94 -4.80 9.22 -5.62
N ARG A 95 -6.10 9.41 -5.76
CA ARG A 95 -6.60 10.48 -6.60
C ARG A 95 -6.13 11.89 -6.17
N SER A 96 -5.79 12.03 -4.91
CA SER A 96 -5.25 13.34 -4.46
C SER A 96 -3.90 13.70 -5.02
N ALA A 97 -3.17 12.75 -5.61
CA ALA A 97 -1.87 13.08 -6.26
C ALA A 97 -2.17 14.11 -7.37
N ASN A 98 -1.20 14.98 -7.63
CA ASN A 98 -1.34 15.95 -8.70
C ASN A 98 -0.46 15.49 -9.87
N PRO A 99 -1.09 14.94 -10.93
CA PRO A 99 -0.32 14.39 -12.05
C PRO A 99 0.11 15.54 -13.01
N ILE A 100 1.03 16.38 -12.52
CA ILE A 100 1.41 17.62 -13.26
C ILE A 100 1.90 17.30 -14.67
N ASN A 101 2.73 16.27 -14.76
CA ASN A 101 3.21 15.72 -16.04
C ASN A 101 3.68 14.25 -15.85
N GLU A 102 4.23 13.66 -16.92
CA GLU A 102 4.62 12.23 -16.94
C GLU A 102 5.65 11.89 -15.84
N GLN A 103 6.29 12.93 -15.28
CA GLN A 103 7.35 12.70 -14.32
C GLN A 103 6.84 12.42 -12.91
N TYR A 104 5.58 12.78 -12.73
CA TYR A 104 4.91 12.64 -11.43
C TYR A 104 4.00 11.42 -11.39
N ALA A 105 3.75 10.90 -10.20
CA ALA A 105 2.78 9.81 -10.01
C ALA A 105 3.11 8.65 -10.94
N LYS A 106 4.32 8.15 -10.79
CA LYS A 106 4.86 7.08 -11.68
C LYS A 106 5.61 6.15 -10.77
N VAL A 107 5.05 4.97 -10.55
CA VAL A 107 5.62 4.02 -9.60
C VAL A 107 6.08 2.72 -10.34
N ASP A 108 7.35 2.33 -10.12
CA ASP A 108 7.89 1.24 -10.92
C ASP A 108 7.18 -0.08 -10.64
N LYS A 109 6.97 -0.34 -9.37
CA LYS A 109 6.26 -1.56 -8.99
C LYS A 109 5.93 -1.53 -7.51
N ILE A 110 5.10 -2.50 -7.13
CA ILE A 110 4.76 -2.76 -5.72
C ILE A 110 4.87 -4.27 -5.49
N GLU A 111 5.50 -4.64 -4.37
CA GLU A 111 5.67 -6.04 -3.97
C GLU A 111 5.08 -6.32 -2.61
N VAL A 112 4.62 -7.56 -2.43
CA VAL A 112 4.28 -8.04 -1.10
C VAL A 112 5.29 -9.15 -0.78
N VAL A 113 5.94 -9.01 0.37
CA VAL A 113 7.08 -9.84 0.73
C VAL A 113 6.69 -10.55 2.03
N VAL A 114 6.94 -11.86 2.11
CA VAL A 114 6.66 -12.58 3.36
C VAL A 114 7.93 -13.33 3.76
N ASP A 115 8.42 -13.04 4.97
CA ASP A 115 9.66 -13.66 5.47
C ASP A 115 10.80 -13.67 4.42
N GLY A 116 10.96 -12.50 3.80
CA GLY A 116 12.07 -12.25 2.92
C GLY A 116 11.87 -12.68 1.48
N LYS A 117 10.71 -13.27 1.15
CA LYS A 117 10.46 -13.77 -0.19
C LYS A 117 9.32 -12.95 -0.84
N VAL A 118 9.57 -12.50 -2.07
CA VAL A 118 8.53 -11.76 -2.78
C VAL A 118 7.45 -12.77 -3.17
N ILE A 119 6.24 -12.65 -2.60
CA ILE A 119 5.15 -13.57 -3.01
C ILE A 119 4.21 -12.97 -4.06
N TYR A 120 4.36 -11.67 -4.29
CA TYR A 120 3.56 -10.96 -5.32
C TYR A 120 4.32 -9.70 -5.80
N SER A 121 4.28 -9.46 -7.10
CA SER A 121 4.81 -8.19 -7.62
C SER A 121 3.95 -7.71 -8.78
N THR A 122 3.71 -6.41 -8.85
CA THR A 122 2.98 -5.83 -9.98
C THR A 122 3.76 -5.94 -11.30
N ILE A 123 5.07 -6.20 -11.20
CA ILE A 123 5.92 -6.01 -12.38
C ILE A 123 5.51 -6.90 -13.54
N ASN A 124 4.91 -8.05 -13.25
CA ASN A 124 4.62 -9.06 -14.27
C ASN A 124 3.44 -8.67 -15.15
N GLN A 125 2.35 -8.26 -14.52
CA GLN A 125 1.19 -7.72 -15.27
C GLN A 125 1.26 -6.22 -15.63
N PHE A 126 2.14 -5.49 -14.93
CA PHE A 126 2.30 -4.06 -15.07
C PHE A 126 3.78 -3.78 -15.43
N PRO A 127 4.22 -4.21 -16.61
CA PRO A 127 5.64 -4.03 -16.97
C PRO A 127 6.09 -2.57 -17.09
N ASN A 128 5.12 -1.65 -17.20
CA ASN A 128 5.37 -0.21 -17.33
C ASN A 128 5.07 0.58 -16.03
N GLY A 129 4.90 -0.16 -14.95
CA GLY A 129 4.61 0.40 -13.62
C GLY A 129 3.20 0.95 -13.53
N LEU A 130 2.97 1.70 -12.48
CA LEU A 130 1.68 2.30 -12.24
C LEU A 130 1.82 3.80 -12.45
N THR A 131 0.75 4.44 -12.95
CA THR A 131 0.72 5.88 -13.09
C THR A 131 -0.68 6.32 -12.68
N TYR A 132 -0.93 7.60 -12.82
CA TYR A 132 -2.20 8.15 -12.35
C TYR A 132 -3.39 7.55 -13.06
N GLU A 133 -3.21 7.13 -14.34
CA GLU A 133 -4.32 6.56 -15.08
C GLU A 133 -4.59 5.09 -14.75
N THR A 134 -3.62 4.41 -14.08
CA THR A 134 -3.77 2.98 -13.85
C THR A 134 -4.97 2.70 -12.94
N PRO A 135 -5.91 1.83 -13.41
CA PRO A 135 -7.05 1.51 -12.52
C PRO A 135 -6.59 0.73 -11.29
N ALA A 136 -7.38 0.83 -10.23
CA ALA A 136 -7.03 0.12 -8.98
C ALA A 136 -6.76 -1.36 -9.26
N ILE A 137 -5.67 -1.85 -8.69
CA ILE A 137 -5.24 -3.23 -8.87
C ILE A 137 -5.74 -4.10 -7.73
N LYS A 138 -6.57 -5.10 -8.04
CA LYS A 138 -7.14 -5.92 -6.97
C LYS A 138 -6.20 -7.10 -6.65
N VAL A 139 -5.70 -7.15 -5.41
CA VAL A 139 -4.71 -8.19 -5.02
C VAL A 139 -5.31 -9.05 -3.93
N ASP A 140 -5.41 -10.35 -4.20
CA ASP A 140 -5.94 -11.29 -3.21
C ASP A 140 -4.94 -12.45 -3.15
N LEU A 141 -4.25 -12.57 -2.02
CA LEU A 141 -3.06 -13.44 -1.87
C LEU A 141 -3.16 -14.42 -0.71
N ASN A 142 -2.77 -15.66 -0.97
CA ASN A 142 -2.59 -16.63 0.08
C ASN A 142 -1.28 -16.33 0.78
N ILE A 143 -1.32 -16.41 2.10
CA ILE A 143 -0.14 -16.18 2.92
C ILE A 143 0.37 -17.52 3.49
N PRO A 144 1.69 -17.81 3.35
CA PRO A 144 2.22 -19.09 3.87
C PRO A 144 1.93 -19.31 5.36
N GLU A 145 1.62 -20.55 5.76
CA GLU A 145 1.40 -20.79 7.18
C GLU A 145 2.71 -20.58 8.00
N ASN A 146 2.57 -20.13 9.26
CA ASN A 146 3.68 -19.90 10.20
C ASN A 146 4.58 -18.73 9.82
N ALA A 147 4.07 -17.89 8.94
CA ALA A 147 4.80 -16.66 8.54
C ALA A 147 4.99 -15.73 9.73
N LYS A 148 6.14 -15.04 9.72
CA LYS A 148 6.48 -14.10 10.79
C LYS A 148 6.48 -12.62 10.41
N ARG A 149 6.80 -12.31 9.16
CA ARG A 149 6.94 -10.89 8.75
C ARG A 149 6.27 -10.75 7.40
N LEU A 150 5.53 -9.64 7.25
CA LEU A 150 4.97 -9.28 5.93
C LEU A 150 5.34 -7.83 5.65
N GLN A 151 5.79 -7.58 4.43
CA GLN A 151 6.23 -6.21 4.09
C GLN A 151 5.52 -5.82 2.81
N LEU A 152 5.15 -4.55 2.78
CA LEU A 152 4.54 -3.88 1.59
C LEU A 152 5.59 -2.93 1.02
N LYS A 153 6.12 -3.24 -0.19
CA LYS A 153 7.21 -2.40 -0.72
C LYS A 153 6.72 -1.70 -1.98
N SER A 154 6.96 -0.38 -2.05
CA SER A 154 6.61 0.42 -3.26
C SER A 154 7.83 1.18 -3.72
N TYR A 155 8.08 1.07 -5.03
CA TYR A 155 9.35 1.52 -5.63
C TYR A 155 9.08 2.74 -6.51
N ALA A 156 9.72 3.85 -6.13
CA ALA A 156 9.40 5.11 -6.75
C ALA A 156 10.01 5.24 -8.16
N GLY A 157 11.02 4.47 -8.47
CA GLY A 157 11.75 4.65 -9.75
C GLY A 157 12.61 5.93 -9.69
N GLU A 158 12.54 6.69 -10.78
CA GLU A 158 13.47 7.82 -10.98
C GLU A 158 13.32 8.92 -9.94
N LYS A 159 12.08 9.23 -9.56
CA LYS A 159 11.82 10.38 -8.66
C LYS A 159 10.64 9.97 -7.76
N THR A 160 10.51 10.57 -6.58
CA THR A 160 9.31 10.25 -5.72
C THR A 160 8.11 11.18 -5.95
N TRP A 161 8.24 12.11 -6.92
CA TRP A 161 7.24 13.15 -7.09
C TRP A 161 5.85 12.56 -7.36
N GLY A 162 4.91 12.93 -6.53
CA GLY A 162 3.49 12.53 -6.74
C GLY A 162 3.22 11.06 -6.54
N ASP A 163 4.18 10.35 -5.94
CA ASP A 163 4.02 8.89 -5.83
C ASP A 163 3.15 8.53 -4.60
N GLU A 164 1.92 9.07 -4.57
CA GLU A 164 1.00 8.80 -3.43
C GLU A 164 0.45 7.36 -3.53
N VAL A 165 1.23 6.39 -3.06
CA VAL A 165 0.77 5.01 -3.17
C VAL A 165 -0.18 4.71 -2.02
N VAL A 166 -1.34 4.15 -2.38
CA VAL A 166 -2.28 3.70 -1.34
C VAL A 166 -2.61 2.20 -1.45
N TYR A 167 -2.71 1.57 -0.27
CA TYR A 167 -3.11 0.19 -0.16
C TYR A 167 -4.53 0.31 0.40
N ALA A 168 -5.47 0.35 -0.55
CA ALA A 168 -6.88 0.65 -0.23
C ALA A 168 -7.60 -0.59 0.30
N ASP A 169 -8.24 -0.46 1.48
CA ASP A 169 -8.99 -1.59 2.08
C ASP A 169 -8.02 -2.76 2.46
N ALA A 170 -6.75 -2.46 2.68
CA ALA A 170 -5.72 -3.49 2.94
C ALA A 170 -6.11 -4.23 4.23
N LYS A 171 -6.27 -5.54 4.12
CA LYS A 171 -6.68 -6.34 5.31
C LYS A 171 -6.14 -7.75 5.19
N PHE A 172 -5.98 -8.38 6.36
CA PHE A 172 -5.71 -9.82 6.48
C PHE A 172 -6.99 -10.61 6.80
N THR A 173 -7.03 -11.88 6.39
CA THR A 173 -7.84 -12.85 7.12
C THR A 173 -6.90 -13.47 8.13
N ALA A 174 -7.28 -13.40 9.41
CA ALA A 174 -6.39 -13.89 10.48
C ALA A 174 -7.20 -14.63 11.55
N LYS A 175 -6.62 -15.70 12.07
CA LYS A 175 -7.27 -16.48 13.17
C LYS A 175 -7.11 -15.81 14.52
N GLY A 176 -5.89 -15.33 14.78
CA GLY A 176 -5.45 -15.00 16.12
C GLY A 176 -5.22 -13.56 16.49
N ASP A 177 -4.60 -13.43 17.65
CA ASP A 177 -4.19 -12.16 18.21
C ASP A 177 -2.87 -11.84 17.50
N PHE A 178 -2.64 -10.55 17.28
CA PHE A 178 -1.38 -10.07 16.77
C PHE A 178 -0.54 -9.60 17.93
N VAL A 179 0.77 -9.56 17.75
CA VAL A 179 1.71 -9.12 18.79
C VAL A 179 1.49 -7.63 19.12
N ASN A 180 1.72 -7.18 20.25
#